data_4M97
#
_entry.id   4M97
#
_cell.length_a   48.060
_cell.length_b   72.690
_cell.length_c   65.750
_cell.angle_alpha   90.000
_cell.angle_beta   96.980
_cell.angle_gamma   90.000
#
_symmetry.space_group_name_H-M   'P 1 21 1'
#
loop_
_entity.id
_entity.type
_entity.pdbx_description
1 polymer 'Calmodulin-like domain protein kinase isoenzyme gamma, related'
2 water water
#
_entity_poly.entity_id   1
_entity_poly.type   'polypeptide(L)'
_entity_poly.pdbx_seq_one_letter_code
;GAAGGAGDKLHATPGMFVQHSTAIFSDRYKGQRVLGKGSFGEVILCKDKITGQECAVKVISKRQVKQKTDKESLLREVQL
LKQLDHPNIMKLYEFFEDKGYYYLVGEVYTGGELFDEIISRKRFSEVDAARIIRQVLSGITYMHKNKIVHRDLKPENLLL
ESKSKDANIRIIDFGLSTHFEASKKMKDKIGTAYYIAPEVLHGTYDEKCDVWSTGVILYILLSGCPPFNGANEYDILKKV
EKGKYTFELPQWKKVSESAKDLIRKMLTYVPSMRISARDALDHEWIQTYTKEQISVDVPSLDNAILNIRQFQGTQKLAQA
ALLYMGSKLTSQDETKELTAIFHKMDKNGDGQLDRAELIEGYKELMKMKGQDASMLDASAVEHEVDQVLDAVDFDKNGYI
EYSEFVTVAMDRKTLLSRERLERAFRMFDSDNSGKISSSELATIFGVSDVDSETWKNVLAEVDKNNDGEVDFDEFQQMLL
KLCGN
;
_entity_poly.pdbx_strand_id   A
#
# COMPACT_ATOMS: atom_id res chain seq x y z
N SER A 21 -31.45 6.33 16.63
CA SER A 21 -30.63 5.45 17.53
C SER A 21 -29.56 4.62 16.79
N THR A 22 -29.73 4.43 15.47
CA THR A 22 -28.66 3.91 14.58
C THR A 22 -27.28 4.41 15.03
N ALA A 23 -26.34 3.49 15.28
CA ALA A 23 -25.04 3.88 15.85
C ALA A 23 -24.21 4.70 14.86
N ILE A 24 -23.45 5.65 15.40
CA ILE A 24 -22.69 6.61 14.61
C ILE A 24 -21.22 6.33 14.88
N PHE A 25 -20.41 6.37 13.84
CA PHE A 25 -18.98 6.11 14.01
C PHE A 25 -18.32 7.05 14.98
N SER A 26 -18.54 8.36 14.82
CA SER A 26 -17.84 9.37 15.65
C SER A 26 -18.32 9.40 17.12
N ASP A 27 -19.49 8.84 17.39
CA ASP A 27 -20.00 8.63 18.75
C ASP A 27 -19.17 7.65 19.54
N ARG A 28 -18.46 6.78 18.83
CA ARG A 28 -17.76 5.68 19.46
C ARG A 28 -16.23 5.78 19.38
N TYR A 29 -15.71 6.23 18.24
CA TYR A 29 -14.29 6.21 17.97
C TYR A 29 -13.80 7.59 17.62
N LYS A 30 -12.57 7.86 18.00
CA LYS A 30 -11.86 9.06 17.56
C LYS A 30 -10.54 8.63 16.91
N GLY A 31 -10.16 9.35 15.86
CA GLY A 31 -8.98 8.99 15.10
C GLY A 31 -7.78 9.52 15.82
N GLN A 32 -6.72 8.73 15.85
CA GLN A 32 -5.48 9.13 16.49
C GLN A 32 -4.42 9.55 15.47
N ARG A 33 -4.21 8.70 14.47
CA ARG A 33 -3.28 9.00 13.40
C ARG A 33 -3.56 8.09 12.21
N VAL A 34 -3.01 8.47 11.07
CA VAL A 34 -3.15 7.68 9.84
C VAL A 34 -2.15 6.53 9.81
N LEU A 35 -2.64 5.31 9.59
CA LEU A 35 -1.77 4.13 9.44
C LEU A 35 -1.24 3.93 8.02
N GLY A 36 -1.99 4.37 7.02
CA GLY A 36 -1.58 4.21 5.64
C GLY A 36 -2.76 4.03 4.71
N LYS A 37 -2.53 4.17 3.42
CA LYS A 37 -3.59 4.03 2.43
C LYS A 37 -3.40 2.75 1.62
N GLY A 38 -4.12 1.70 2.00
CA GLY A 38 -4.19 0.46 1.23
C GLY A 38 -5.39 0.51 0.31
N SER A 39 -5.55 -0.53 -0.51
CA SER A 39 -6.64 -0.62 -1.50
C SER A 39 -8.00 -0.36 -0.86
N PHE A 40 -8.85 0.34 -1.62
CA PHE A 40 -10.21 0.75 -1.23
C PHE A 40 -10.31 2.01 -0.37
N GLY A 41 -9.23 2.44 0.27
CA GLY A 41 -9.28 3.69 1.04
C GLY A 41 -8.26 3.76 2.15
N GLU A 42 -8.35 4.80 2.97
CA GLU A 42 -7.33 5.01 4.01
C GLU A 42 -7.64 4.23 5.26
N VAL A 43 -6.55 3.83 5.92
CA VAL A 43 -6.61 3.13 7.18
C VAL A 43 -6.14 4.06 8.29
N ILE A 44 -7.00 4.23 9.27
CA ILE A 44 -6.82 5.17 10.35
C ILE A 44 -6.77 4.39 11.66
N LEU A 45 -5.76 4.68 12.49
CA LEU A 45 -5.65 4.15 13.87
C LEU A 45 -6.63 4.91 14.73
N CYS A 46 -7.59 4.20 15.32
CA CYS A 46 -8.65 4.83 16.06
C CYS A 46 -8.70 4.32 17.48
N LYS A 47 -9.40 5.08 18.33
CA LYS A 47 -9.48 4.74 19.75
C LYS A 47 -10.91 4.79 20.22
N ASP A 48 -11.38 3.68 20.80
CA ASP A 48 -12.67 3.63 21.46
C ASP A 48 -12.76 4.65 22.57
N LYS A 49 -13.73 5.54 22.49
CA LYS A 49 -13.83 6.65 23.44
C LYS A 49 -14.14 6.26 24.89
N ILE A 50 -14.60 5.03 25.10
CA ILE A 50 -14.87 4.55 26.42
C ILE A 50 -13.78 3.61 26.96
N THR A 51 -13.44 2.58 26.20
CA THR A 51 -12.65 1.46 26.71
C THR A 51 -11.18 1.60 26.40
N GLY A 52 -10.84 2.54 25.51
CA GLY A 52 -9.46 2.82 25.18
C GLY A 52 -8.88 1.95 24.08
N GLN A 53 -9.64 0.93 23.65
CA GLN A 53 -9.15 -0.09 22.70
C GLN A 53 -8.76 0.55 21.38
N GLU A 54 -7.57 0.20 20.88
CA GLU A 54 -7.07 0.70 19.63
C GLU A 54 -7.60 -0.21 18.53
N CYS A 55 -8.04 0.39 17.43
CA CYS A 55 -8.52 -0.39 16.30
CA CYS A 55 -8.56 -0.36 16.29
C CYS A 55 -7.99 0.25 15.03
N ALA A 56 -7.94 -0.49 13.94
CA ALA A 56 -7.63 0.06 12.66
C ALA A 56 -8.96 0.19 11.91
N VAL A 57 -9.21 1.35 11.32
CA VAL A 57 -10.46 1.56 10.60
C VAL A 57 -10.22 1.91 9.14
N LYS A 58 -10.80 1.11 8.26
CA LYS A 58 -10.68 1.29 6.82
C LYS A 58 -11.84 2.13 6.44
N VAL A 59 -11.56 3.31 5.94
CA VAL A 59 -12.58 4.25 5.54
C VAL A 59 -12.71 4.20 4.02
N ILE A 60 -13.90 3.84 3.57
CA ILE A 60 -14.15 3.62 2.18
C ILE A 60 -15.24 4.58 1.77
N SER A 61 -15.01 5.25 0.64
CA SER A 61 -16.01 6.13 0.03
C SER A 61 -17.07 5.35 -0.72
N LYS A 62 -18.28 5.86 -0.66
CA LYS A 62 -19.35 5.34 -1.48
C LYS A 62 -19.22 5.86 -2.92
N ARG A 63 -18.68 7.09 -3.07
CA ARG A 63 -18.46 7.72 -4.39
C ARG A 63 -17.12 7.30 -5.03
N GLN A 64 -16.02 7.94 -4.59
CA GLN A 64 -14.65 7.69 -5.09
C GLN A 64 -14.39 6.20 -5.39
N VAL A 65 -14.60 5.37 -4.37
CA VAL A 65 -14.73 3.91 -4.53
C VAL A 65 -16.23 3.64 -4.54
N LYS A 66 -16.69 2.73 -5.36
CA LYS A 66 -18.11 2.49 -5.45
C LYS A 66 -18.37 1.03 -5.21
N GLN A 67 -19.43 0.46 -5.77
CA GLN A 67 -19.91 -0.84 -5.32
C GLN A 67 -20.31 -1.76 -6.44
N LYS A 68 -19.94 -3.03 -6.29
CA LYS A 68 -20.37 -4.09 -7.21
C LYS A 68 -21.77 -4.64 -6.86
N THR A 69 -21.95 -4.97 -5.58
CA THR A 69 -23.20 -5.56 -5.07
C THR A 69 -24.27 -4.53 -4.69
N ASP A 70 -25.40 -5.06 -4.21
CA ASP A 70 -26.37 -4.30 -3.44
C ASP A 70 -26.00 -4.37 -1.95
N LYS A 71 -26.59 -3.44 -1.20
CA LYS A 71 -26.31 -3.23 0.19
C LYS A 71 -26.57 -4.50 1.03
N GLU A 72 -27.66 -5.20 0.72
CA GLU A 72 -28.07 -6.44 1.44
C GLU A 72 -26.96 -7.46 1.48
N SER A 73 -26.38 -7.73 0.32
CA SER A 73 -25.29 -8.69 0.18
C SER A 73 -24.06 -8.25 0.96
N LEU A 74 -23.74 -6.96 0.91
CA LEU A 74 -22.63 -6.46 1.73
C LEU A 74 -22.87 -6.65 3.25
N LEU A 75 -24.03 -6.24 3.74
CA LEU A 75 -24.41 -6.35 5.17
C LEU A 75 -24.37 -7.80 5.66
N ARG A 76 -24.86 -8.69 4.80
CA ARG A 76 -24.78 -10.14 5.01
C ARG A 76 -23.32 -10.58 5.17
N GLU A 77 -22.47 -10.22 4.21
CA GLU A 77 -21.09 -10.62 4.27
C GLU A 77 -20.45 -10.06 5.54
N VAL A 78 -20.77 -8.81 5.88
CA VAL A 78 -20.21 -8.18 7.08
C VAL A 78 -20.56 -8.98 8.34
N GLN A 79 -21.79 -9.42 8.38
CA GLN A 79 -22.31 -10.12 9.53
C GLN A 79 -21.57 -11.46 9.64
N LEU A 80 -21.34 -12.09 8.50
CA LEU A 80 -20.57 -13.32 8.51
C LEU A 80 -19.15 -13.09 9.00
N LEU A 81 -18.51 -12.00 8.54
CA LEU A 81 -17.10 -11.77 8.93
C LEU A 81 -16.89 -11.53 10.42
N LYS A 82 -17.88 -10.90 11.08
CA LYS A 82 -17.80 -10.59 12.50
C LYS A 82 -17.82 -11.82 13.36
N GLN A 83 -18.27 -12.95 12.82
CA GLN A 83 -18.38 -14.21 13.58
C GLN A 83 -17.21 -15.18 13.37
N LEU A 84 -16.30 -14.85 12.49
CA LEU A 84 -15.23 -15.75 12.18
C LEU A 84 -13.98 -15.31 12.95
N ASP A 85 -13.21 -16.30 13.42
CA ASP A 85 -11.95 -16.09 14.13
C ASP A 85 -10.92 -17.10 13.67
N HIS A 86 -9.75 -16.60 13.28
CA HIS A 86 -8.60 -17.41 12.96
C HIS A 86 -7.36 -16.57 13.29
N PRO A 87 -6.31 -17.20 13.84
CA PRO A 87 -5.07 -16.46 14.18
C PRO A 87 -4.30 -15.84 13.00
N ASN A 88 -4.61 -16.23 11.78
CA ASN A 88 -4.03 -15.62 10.57
C ASN A 88 -4.99 -14.76 9.74
N ILE A 89 -6.11 -14.36 10.32
CA ILE A 89 -7.04 -13.49 9.64
C ILE A 89 -7.25 -12.24 10.46
N MET A 90 -7.17 -11.07 9.84
CA MET A 90 -7.56 -9.85 10.54
C MET A 90 -9.02 -9.83 10.92
N LYS A 91 -9.25 -9.81 12.22
CA LYS A 91 -10.59 -9.72 12.83
C LYS A 91 -11.30 -8.43 12.43
N LEU A 92 -12.49 -8.55 11.86
CA LEU A 92 -13.38 -7.40 11.75
C LEU A 92 -14.30 -7.32 12.98
N TYR A 93 -14.44 -6.13 13.54
CA TYR A 93 -15.16 -5.94 14.79
C TYR A 93 -16.53 -5.30 14.58
N GLU A 94 -16.54 -4.22 13.80
CA GLU A 94 -17.74 -3.41 13.64
C GLU A 94 -17.75 -2.88 12.24
N PHE A 95 -18.93 -2.47 11.80
CA PHE A 95 -19.15 -1.82 10.53
C PHE A 95 -20.08 -0.66 10.78
N PHE A 96 -19.78 0.50 10.24
CA PHE A 96 -20.68 1.65 10.34
C PHE A 96 -20.83 2.21 8.94
N GLU A 97 -21.86 3.02 8.78
CA GLU A 97 -22.13 3.64 7.52
C GLU A 97 -22.80 4.97 7.77
N ASP A 98 -22.22 6.00 7.19
CA ASP A 98 -22.87 7.30 7.09
C ASP A 98 -23.10 7.53 5.60
N LYS A 99 -23.49 8.74 5.23
CA LYS A 99 -23.95 9.01 3.88
C LYS A 99 -22.82 8.92 2.88
N GLY A 100 -21.64 9.41 3.25
CA GLY A 100 -20.51 9.40 2.34
C GLY A 100 -19.72 8.11 2.39
N TYR A 101 -19.80 7.38 3.51
CA TYR A 101 -18.77 6.39 3.78
C TYR A 101 -19.21 5.10 4.44
N TYR A 102 -18.34 4.12 4.34
CA TYR A 102 -18.42 2.93 5.15
C TYR A 102 -17.17 2.92 6.03
N TYR A 103 -17.28 2.36 7.24
CA TYR A 103 -16.15 2.27 8.15
C TYR A 103 -16.00 0.82 8.55
N LEU A 104 -14.87 0.22 8.25
CA LEU A 104 -14.61 -1.16 8.65
C LEU A 104 -13.63 -1.19 9.80
N VAL A 105 -14.16 -1.36 11.01
CA VAL A 105 -13.38 -1.38 12.23
C VAL A 105 -12.81 -2.75 12.60
N GLY A 106 -11.49 -2.82 12.61
CA GLY A 106 -10.81 -4.06 12.80
C GLY A 106 -9.64 -3.99 13.73
N GLU A 107 -9.04 -5.15 13.91
CA GLU A 107 -7.88 -5.32 14.76
C GLU A 107 -6.71 -4.55 14.16
N VAL A 108 -5.79 -4.12 15.02
CA VAL A 108 -4.68 -3.31 14.58
C VAL A 108 -3.44 -4.15 14.71
N TYR A 109 -2.60 -4.13 13.68
CA TYR A 109 -1.28 -4.71 13.74
C TYR A 109 -0.27 -3.62 13.45
N THR A 110 0.91 -3.75 14.01
CA THR A 110 1.92 -2.72 13.89
C THR A 110 3.25 -3.28 13.36
N GLY A 111 3.27 -4.58 12.99
CA GLY A 111 4.50 -5.24 12.62
C GLY A 111 4.89 -4.98 11.17
N GLY A 112 3.99 -4.38 10.40
CA GLY A 112 4.29 -3.98 9.03
C GLY A 112 4.07 -5.11 8.03
N GLU A 113 4.30 -4.79 6.77
CA GLU A 113 4.05 -5.71 5.69
C GLU A 113 5.15 -6.76 5.73
N LEU A 114 4.81 -7.96 5.30
CA LEU A 114 5.74 -9.10 5.36
C LEU A 114 7.08 -8.90 4.67
N PHE A 115 7.05 -8.58 3.37
CA PHE A 115 8.28 -8.41 2.59
C PHE A 115 9.21 -7.32 3.18
N ASP A 116 8.64 -6.28 3.81
CA ASP A 116 9.44 -5.16 4.33
C ASP A 116 10.25 -5.70 5.49
N GLU A 117 9.68 -6.65 6.21
CA GLU A 117 10.42 -7.32 7.26
C GLU A 117 11.48 -8.25 6.65
N ILE A 118 11.09 -9.10 5.69
CA ILE A 118 12.02 -10.11 5.14
C ILE A 118 13.30 -9.49 4.57
N ILE A 119 13.17 -8.38 3.84
CA ILE A 119 14.35 -7.68 3.32
C ILE A 119 15.34 -7.16 4.38
N SER A 120 14.91 -6.97 5.63
CA SER A 120 15.85 -6.58 6.67
C SER A 120 16.61 -7.78 7.23
N ARG A 121 16.07 -8.99 7.01
CA ARG A 121 16.71 -10.21 7.51
C ARG A 121 18.10 -10.28 6.91
N LYS A 122 19.05 -10.78 7.69
CA LYS A 122 20.35 -11.18 7.17
C LYS A 122 20.28 -12.55 6.52
N ARG A 123 19.39 -13.41 7.03
CA ARG A 123 19.31 -14.81 6.61
C ARG A 123 17.83 -15.26 6.37
N PHE A 124 17.63 -16.25 5.52
CA PHE A 124 16.25 -16.66 5.15
C PHE A 124 16.30 -18.04 4.51
N SER A 125 15.62 -19.00 5.10
CA SER A 125 15.77 -20.37 4.66
C SER A 125 14.44 -20.87 4.17
N GLU A 126 14.50 -22.03 3.50
CA GLU A 126 13.27 -22.74 3.12
C GLU A 126 12.30 -22.99 4.24
N VAL A 127 12.77 -23.08 5.48
CA VAL A 127 11.90 -23.31 6.63
C VAL A 127 11.23 -21.99 7.00
N ASP A 128 11.98 -20.90 6.94
CA ASP A 128 11.39 -19.62 7.16
C ASP A 128 10.25 -19.43 6.14
N ALA A 129 10.52 -19.74 4.89
CA ALA A 129 9.52 -19.63 3.85
C ALA A 129 8.32 -20.54 4.11
N ALA A 130 8.55 -21.77 4.56
CA ALA A 130 7.43 -22.72 4.72
C ALA A 130 6.53 -22.32 5.86
N ARG A 131 7.10 -21.82 6.94
CA ARG A 131 6.32 -21.38 8.10
C ARG A 131 5.42 -20.18 7.80
N ILE A 132 5.95 -19.26 7.02
CA ILE A 132 5.22 -18.12 6.53
C ILE A 132 4.02 -18.60 5.70
N ILE A 133 4.29 -19.51 4.76
CA ILE A 133 3.27 -20.01 3.82
C ILE A 133 2.24 -20.89 4.49
N ARG A 134 2.62 -21.64 5.53
CA ARG A 134 1.65 -22.43 6.31
C ARG A 134 0.61 -21.53 6.99
N GLN A 135 1.05 -20.40 7.53
CA GLN A 135 0.13 -19.42 8.14
C GLN A 135 -0.84 -18.93 7.09
N VAL A 136 -0.32 -18.60 5.90
CA VAL A 136 -1.15 -18.07 4.87
C VAL A 136 -2.17 -19.13 4.48
N LEU A 137 -1.72 -20.37 4.32
CA LEU A 137 -2.60 -21.43 3.84
C LEU A 137 -3.62 -21.88 4.88
N SER A 138 -3.26 -21.75 6.15
CA SER A 138 -4.17 -22.03 7.24
C SER A 138 -5.28 -20.95 7.26
N GLY A 139 -4.90 -19.69 7.05
CA GLY A 139 -5.88 -18.59 6.98
C GLY A 139 -6.82 -18.83 5.80
N ILE A 140 -6.22 -19.06 4.65
CA ILE A 140 -7.04 -19.28 3.48
C ILE A 140 -8.00 -20.45 3.62
N THR A 141 -7.50 -21.55 4.17
CA THR A 141 -8.30 -22.76 4.32
C THR A 141 -9.53 -22.51 5.15
N TYR A 142 -9.36 -21.78 6.26
CA TYR A 142 -10.48 -21.45 7.15
C TYR A 142 -11.48 -20.58 6.42
N MET A 143 -11.03 -19.54 5.71
CA MET A 143 -11.99 -18.65 5.06
C MET A 143 -12.76 -19.38 3.96
N HIS A 144 -12.09 -20.29 3.24
CA HIS A 144 -12.74 -20.95 2.15
C HIS A 144 -13.82 -21.88 2.67
N LYS A 145 -13.59 -22.45 3.84
CA LYS A 145 -14.59 -23.29 4.50
C LYS A 145 -15.86 -22.49 4.76
N ASN A 146 -15.69 -21.22 4.98
CA ASN A 146 -16.79 -20.28 5.18
C ASN A 146 -17.19 -19.58 3.89
N LYS A 147 -16.77 -20.10 2.75
CA LYS A 147 -17.16 -19.56 1.46
C LYS A 147 -16.81 -18.07 1.28
N ILE A 148 -15.66 -17.69 1.81
CA ILE A 148 -15.17 -16.34 1.61
C ILE A 148 -13.87 -16.44 0.83
N VAL A 149 -13.84 -15.72 -0.30
CA VAL A 149 -12.73 -15.68 -1.25
C VAL A 149 -12.03 -14.30 -1.09
N HIS A 150 -10.71 -14.28 -1.06
CA HIS A 150 -10.01 -12.96 -1.04
C HIS A 150 -9.99 -12.28 -2.43
N ARG A 151 -9.50 -13.04 -3.41
CA ARG A 151 -9.29 -12.65 -4.78
C ARG A 151 -8.05 -11.75 -5.08
N ASP A 152 -7.74 -10.85 -4.16
CA ASP A 152 -6.66 -9.85 -4.34
C ASP A 152 -5.56 -10.12 -3.36
N LEU A 153 -5.28 -11.40 -3.15
CA LEU A 153 -4.20 -11.78 -2.26
C LEU A 153 -2.79 -11.38 -2.82
N LYS A 154 -2.05 -10.62 -2.04
CA LYS A 154 -0.69 -10.21 -2.38
C LYS A 154 0.08 -9.80 -1.14
N PRO A 155 1.43 -9.70 -1.24
CA PRO A 155 2.26 -9.38 -0.07
C PRO A 155 1.79 -8.23 0.78
N GLU A 156 1.31 -7.17 0.16
CA GLU A 156 0.83 -5.99 0.92
C GLU A 156 -0.31 -6.34 1.86
N ASN A 157 -1.04 -7.44 1.58
CA ASN A 157 -2.14 -7.88 2.43
C ASN A 157 -1.71 -8.82 3.54
N LEU A 158 -0.42 -9.10 3.62
CA LEU A 158 0.13 -9.89 4.70
C LEU A 158 0.88 -9.01 5.69
N LEU A 159 0.29 -8.85 6.86
CA LEU A 159 0.83 -7.99 7.89
C LEU A 159 1.32 -8.87 9.05
N LEU A 160 2.37 -8.41 9.72
CA LEU A 160 2.89 -9.05 10.91
C LEU A 160 2.35 -8.39 12.16
N GLU A 161 2.09 -9.20 13.18
CA GLU A 161 1.74 -8.69 14.50
C GLU A 161 2.91 -7.85 15.03
N SER A 162 4.13 -8.28 14.74
CA SER A 162 5.33 -7.59 15.24
C SER A 162 6.50 -7.66 14.27
N LYS A 163 7.36 -6.64 14.30
CA LYS A 163 8.64 -6.64 13.56
C LYS A 163 9.63 -7.73 14.06
N SER A 164 9.17 -8.58 14.97
CA SER A 164 9.86 -9.83 15.29
C SER A 164 10.04 -10.71 14.04
N LYS A 165 11.09 -11.53 14.08
CA LYS A 165 11.42 -12.49 13.03
C LYS A 165 10.41 -13.68 12.99
N ASP A 166 9.85 -14.01 14.16
CA ASP A 166 8.98 -15.17 14.32
C ASP A 166 7.47 -14.81 14.27
N ALA A 167 7.16 -13.61 13.80
CA ALA A 167 5.87 -12.99 14.09
C ALA A 167 4.73 -13.67 13.37
N ASN A 168 3.55 -13.64 14.00
CA ASN A 168 2.34 -14.20 13.41
C ASN A 168 1.92 -13.30 12.25
N ILE A 169 1.31 -13.91 11.24
CA ILE A 169 0.86 -13.22 10.01
C ILE A 169 -0.65 -13.14 10.05
N ARG A 170 -1.17 -11.96 9.72
CA ARG A 170 -2.59 -11.75 9.65
C ARG A 170 -2.89 -11.24 8.24
N ILE A 171 -3.78 -11.94 7.54
CA ILE A 171 -4.18 -11.54 6.19
C ILE A 171 -5.26 -10.48 6.32
N ILE A 172 -5.08 -9.35 5.66
CA ILE A 172 -6.10 -8.29 5.67
C ILE A 172 -6.96 -8.36 4.40
N ASP A 173 -8.17 -7.80 4.47
CA ASP A 173 -9.02 -7.52 3.29
C ASP A 173 -9.75 -8.76 2.71
N PHE A 174 -9.88 -9.86 3.45
CA PHE A 174 -10.72 -10.96 2.95
C PHE A 174 -12.16 -10.48 2.69
N GLY A 175 -12.77 -10.93 1.59
CA GLY A 175 -14.15 -10.64 1.32
C GLY A 175 -14.44 -9.28 0.69
N LEU A 176 -13.52 -8.33 0.79
CA LEU A 176 -13.82 -7.00 0.28
C LEU A 176 -13.94 -6.95 -1.25
N SER A 177 -13.30 -7.87 -1.95
CA SER A 177 -13.20 -7.76 -3.38
C SER A 177 -14.56 -7.82 -4.00
N THR A 178 -15.34 -8.78 -3.51
CA THR A 178 -16.70 -9.02 -3.96
C THR A 178 -17.60 -7.79 -3.99
N HIS A 179 -17.37 -6.81 -3.10
CA HIS A 179 -18.36 -5.75 -2.86
C HIS A 179 -17.96 -4.35 -3.31
N PHE A 180 -16.67 -4.07 -3.44
CA PHE A 180 -16.19 -2.77 -3.87
C PHE A 180 -15.29 -2.84 -5.09
N GLU A 181 -15.42 -1.84 -5.96
CA GLU A 181 -14.56 -1.64 -7.15
C GLU A 181 -13.16 -1.27 -6.75
N ALA A 182 -12.18 -1.88 -7.38
CA ALA A 182 -10.78 -1.52 -7.09
C ALA A 182 -10.47 -0.19 -7.79
N SER A 183 -9.79 0.71 -7.05
CA SER A 183 -9.32 2.00 -7.57
C SER A 183 -8.43 1.77 -8.79
N LYS A 184 -8.80 2.36 -9.92
CA LYS A 184 -8.03 2.20 -11.17
C LYS A 184 -6.86 3.18 -11.35
N LYS A 185 -6.52 3.97 -10.34
CA LYS A 185 -5.31 4.80 -10.40
C LYS A 185 -4.08 3.89 -10.16
N MET A 186 -2.95 4.22 -10.80
CA MET A 186 -1.81 3.30 -10.85
C MET A 186 -1.12 3.12 -9.49
N LYS A 187 -1.09 4.17 -8.69
CA LYS A 187 -0.56 4.07 -7.32
C LYS A 187 -1.16 2.89 -6.56
N ASP A 188 -2.46 2.71 -6.76
CA ASP A 188 -3.26 1.77 -5.99
C ASP A 188 -3.23 0.42 -6.62
N LYS A 189 -2.76 0.31 -7.87
CA LYS A 189 -2.65 -1.01 -8.48
C LYS A 189 -1.23 -1.44 -8.88
N ILE A 190 -0.20 -0.73 -8.40
CA ILE A 190 1.16 -1.23 -8.50
C ILE A 190 1.30 -2.48 -7.66
N GLY A 191 1.91 -3.50 -8.26
CA GLY A 191 2.11 -4.77 -7.62
C GLY A 191 1.03 -5.76 -7.97
N THR A 192 -0.11 -5.29 -8.45
CA THR A 192 -1.28 -6.18 -8.48
C THR A 192 -1.14 -7.36 -9.46
N ALA A 193 -0.47 -7.10 -10.59
CA ALA A 193 -0.52 -7.95 -11.73
C ALA A 193 0.20 -9.24 -11.47
N TYR A 194 1.24 -9.23 -10.62
CA TYR A 194 2.02 -10.44 -10.45
C TYR A 194 1.18 -11.56 -9.86
N TYR A 195 0.15 -11.20 -9.05
CA TYR A 195 -0.48 -12.12 -8.12
C TYR A 195 -1.83 -12.65 -8.57
N ILE A 196 -2.36 -12.08 -9.65
CA ILE A 196 -3.77 -12.29 -9.97
C ILE A 196 -3.91 -13.60 -10.74
N ALA A 197 -4.93 -14.41 -10.42
CA ALA A 197 -5.07 -15.69 -11.09
C ALA A 197 -5.60 -15.46 -12.51
N PRO A 198 -5.17 -16.28 -13.45
CA PRO A 198 -5.58 -16.08 -14.82
C PRO A 198 -7.06 -16.14 -15.06
N GLU A 199 -7.78 -16.95 -14.27
CA GLU A 199 -9.24 -17.13 -14.41
C GLU A 199 -9.99 -15.90 -13.92
N VAL A 200 -9.39 -15.16 -13.00
CA VAL A 200 -9.94 -13.87 -12.60
C VAL A 200 -9.88 -12.83 -13.72
N LEU A 201 -8.79 -12.80 -14.48
CA LEU A 201 -8.75 -11.90 -15.65
C LEU A 201 -9.91 -12.21 -16.59
N HIS A 202 -10.21 -13.48 -16.77
CA HIS A 202 -11.24 -13.89 -17.74
C HIS A 202 -12.68 -13.87 -17.22
N GLY A 203 -12.83 -13.86 -15.89
CA GLY A 203 -14.11 -13.52 -15.23
C GLY A 203 -14.80 -14.67 -14.54
N THR A 204 -14.42 -15.91 -14.82
CA THR A 204 -15.06 -17.03 -14.15
C THR A 204 -14.03 -17.51 -13.13
N TYR A 205 -14.27 -17.22 -11.85
CA TYR A 205 -13.34 -17.63 -10.79
C TYR A 205 -14.10 -18.04 -9.52
N ASP A 206 -13.38 -18.77 -8.69
CA ASP A 206 -13.83 -19.30 -7.43
C ASP A 206 -12.64 -19.23 -6.48
N GLU A 207 -12.78 -19.87 -5.31
CA GLU A 207 -11.78 -19.83 -4.25
C GLU A 207 -10.38 -20.36 -4.64
N LYS A 208 -10.27 -21.18 -5.69
CA LYS A 208 -8.94 -21.60 -6.17
C LYS A 208 -8.03 -20.42 -6.58
N CYS A 209 -8.60 -19.27 -6.93
CA CYS A 209 -7.74 -18.16 -7.31
C CYS A 209 -6.83 -17.75 -6.16
N ASP A 210 -7.24 -17.98 -4.91
CA ASP A 210 -6.39 -17.62 -3.74
C ASP A 210 -5.17 -18.53 -3.60
N VAL A 211 -5.29 -19.77 -4.08
CA VAL A 211 -4.20 -20.73 -4.10
C VAL A 211 -3.12 -20.37 -5.10
N TRP A 212 -3.55 -19.96 -6.29
CA TRP A 212 -2.69 -19.40 -7.29
C TRP A 212 -1.92 -18.20 -6.75
N SER A 213 -2.62 -17.21 -6.20
CA SER A 213 -1.93 -16.03 -5.65
C SER A 213 -0.89 -16.43 -4.64
N THR A 214 -1.22 -17.40 -3.79
CA THR A 214 -0.31 -17.88 -2.76
C THR A 214 0.91 -18.59 -3.32
N GLY A 215 0.67 -19.35 -4.37
CA GLY A 215 1.74 -19.94 -5.15
C GLY A 215 2.70 -18.90 -5.68
N VAL A 216 2.15 -17.80 -6.18
CA VAL A 216 3.00 -16.70 -6.65
C VAL A 216 3.86 -16.14 -5.50
N ILE A 217 3.26 -15.89 -4.34
CA ILE A 217 4.01 -15.45 -3.19
C ILE A 217 5.13 -16.43 -2.83
N LEU A 218 4.80 -17.71 -2.77
CA LEU A 218 5.80 -18.72 -2.45
C LEU A 218 6.98 -18.70 -3.42
N TYR A 219 6.70 -18.73 -4.72
CA TYR A 219 7.71 -18.60 -5.75
C TYR A 219 8.69 -17.43 -5.47
N ILE A 220 8.14 -16.27 -5.18
CA ILE A 220 8.92 -15.09 -4.85
C ILE A 220 9.77 -15.27 -3.58
N LEU A 221 9.17 -15.91 -2.57
CA LEU A 221 9.87 -16.19 -1.32
C LEU A 221 11.08 -17.08 -1.55
N LEU A 222 10.96 -18.04 -2.45
CA LEU A 222 12.07 -18.95 -2.73
C LEU A 222 13.13 -18.48 -3.71
N SER A 223 12.80 -17.55 -4.64
CA SER A 223 13.74 -17.08 -5.69
C SER A 223 14.00 -15.58 -5.68
N GLY A 224 13.11 -14.84 -5.05
CA GLY A 224 13.15 -13.40 -5.01
C GLY A 224 12.61 -12.71 -6.26
N CYS A 225 11.98 -13.49 -7.14
CA CYS A 225 11.61 -13.03 -8.46
C CYS A 225 10.21 -13.54 -8.80
N PRO A 226 9.39 -12.66 -9.43
CA PRO A 226 8.09 -13.11 -9.87
C PRO A 226 8.15 -14.23 -10.89
N PRO A 227 7.29 -15.23 -10.75
CA PRO A 227 7.24 -16.17 -11.84
C PRO A 227 6.78 -15.57 -13.18
N PHE A 228 5.83 -14.61 -13.11
CA PHE A 228 5.26 -13.92 -14.26
C PHE A 228 5.64 -12.46 -14.22
N ASN A 229 6.65 -12.13 -15.02
CA ASN A 229 7.30 -10.82 -14.96
C ASN A 229 7.20 -10.01 -16.24
N GLY A 230 7.55 -8.73 -16.18
CA GLY A 230 7.42 -7.89 -17.35
C GLY A 230 7.73 -6.45 -17.07
N ALA A 231 7.87 -5.68 -18.15
CA ALA A 231 8.31 -4.28 -18.08
C ALA A 231 7.22 -3.35 -17.53
N ASN A 232 5.97 -3.75 -17.67
CA ASN A 232 4.83 -2.95 -17.28
C ASN A 232 3.62 -3.86 -16.99
N GLU A 233 2.52 -3.28 -16.52
CA GLU A 233 1.36 -4.05 -16.13
C GLU A 233 0.88 -5.05 -17.17
N TYR A 234 0.62 -4.60 -18.38
CA TYR A 234 0.15 -5.45 -19.45
C TYR A 234 1.14 -6.58 -19.90
N ASP A 235 2.45 -6.32 -19.93
CA ASP A 235 3.43 -7.36 -20.19
C ASP A 235 3.32 -8.44 -19.12
N ILE A 236 3.09 -8.01 -17.88
CA ILE A 236 2.95 -8.98 -16.79
C ILE A 236 1.66 -9.81 -16.97
N LEU A 237 0.54 -9.12 -17.16
CA LEU A 237 -0.75 -9.79 -17.38
C LEU A 237 -0.75 -10.77 -18.55
N LYS A 238 -0.05 -10.42 -19.62
CA LYS A 238 0.09 -11.33 -20.75
C LYS A 238 0.72 -12.67 -20.37
N LYS A 239 1.83 -12.56 -19.66
CA LYS A 239 2.52 -13.70 -19.08
C LYS A 239 1.63 -14.48 -18.15
N VAL A 240 0.84 -13.82 -17.31
CA VAL A 240 -0.03 -14.54 -16.37
C VAL A 240 -1.05 -15.38 -17.12
N GLU A 241 -1.67 -14.74 -18.11
CA GLU A 241 -2.75 -15.31 -18.87
C GLU A 241 -2.31 -16.52 -19.71
N LYS A 242 -1.06 -16.52 -20.16
CA LYS A 242 -0.47 -17.73 -20.73
C LYS A 242 -0.15 -18.76 -19.66
N GLY A 243 0.18 -18.30 -18.46
CA GLY A 243 0.45 -19.25 -17.38
C GLY A 243 1.72 -20.11 -17.45
N LYS A 244 2.64 -19.84 -18.36
CA LYS A 244 3.92 -20.56 -18.37
C LYS A 244 4.94 -19.85 -17.48
N TYR A 245 5.77 -20.64 -16.81
CA TYR A 245 6.80 -20.13 -15.94
C TYR A 245 7.84 -21.26 -15.79
N THR A 246 9.04 -20.93 -15.30
CA THR A 246 10.09 -21.93 -15.14
C THR A 246 10.81 -21.83 -13.79
N PHE A 247 11.70 -22.79 -13.55
CA PHE A 247 12.64 -22.73 -12.45
C PHE A 247 14.07 -22.67 -12.98
N GLU A 248 14.24 -22.05 -14.16
CA GLU A 248 15.53 -21.94 -14.86
C GLU A 248 16.57 -21.20 -14.04
N LEU A 249 16.16 -20.19 -13.29
CA LEU A 249 17.12 -19.32 -12.55
C LEU A 249 18.09 -20.13 -11.66
N PRO A 250 19.34 -19.66 -11.53
CA PRO A 250 20.32 -20.55 -10.90
C PRO A 250 19.98 -20.82 -9.44
N GLN A 251 19.36 -19.86 -8.75
CA GLN A 251 19.07 -20.01 -7.31
C GLN A 251 18.02 -21.06 -7.02
N TRP A 252 17.33 -21.53 -8.05
CA TRP A 252 16.41 -22.65 -7.89
C TRP A 252 17.17 -23.96 -7.76
N LYS A 253 18.44 -23.97 -8.17
CA LYS A 253 19.30 -25.12 -7.83
C LYS A 253 19.34 -25.31 -6.31
N LYS A 254 19.30 -24.22 -5.54
CA LYS A 254 19.40 -24.27 -4.07
C LYS A 254 18.08 -24.65 -3.35
N VAL A 255 16.98 -24.81 -4.09
CA VAL A 255 15.67 -25.15 -3.50
C VAL A 255 15.28 -26.63 -3.65
N SER A 256 14.63 -27.18 -2.63
CA SER A 256 14.22 -28.59 -2.67
C SER A 256 13.20 -28.85 -3.77
N GLU A 257 13.16 -30.10 -4.20
CA GLU A 257 12.24 -30.51 -5.27
C GLU A 257 10.79 -30.54 -4.78
N SER A 258 10.63 -30.88 -3.51
CA SER A 258 9.34 -30.82 -2.83
C SER A 258 8.66 -29.41 -2.81
N ALA A 259 9.46 -28.36 -2.68
CA ALA A 259 8.96 -27.02 -2.68
C ALA A 259 8.48 -26.71 -4.08
N LYS A 260 9.22 -27.16 -5.08
CA LYS A 260 8.86 -26.94 -6.48
C LYS A 260 7.65 -27.74 -6.85
N ASP A 261 7.44 -28.87 -6.21
CA ASP A 261 6.29 -29.71 -6.58
C ASP A 261 5.01 -29.07 -6.08
N LEU A 262 5.06 -28.53 -4.86
CA LEU A 262 3.93 -27.77 -4.33
C LEU A 262 3.64 -26.58 -5.22
N ILE A 263 4.66 -25.88 -5.65
CA ILE A 263 4.45 -24.68 -6.46
C ILE A 263 3.73 -25.02 -7.75
N ARG A 264 4.08 -26.16 -8.34
CA ARG A 264 3.49 -26.59 -9.61
C ARG A 264 2.03 -26.86 -9.42
N LYS A 265 1.65 -27.30 -8.24
CA LYS A 265 0.26 -27.61 -7.97
C LYS A 265 -0.58 -26.40 -7.62
N MET A 266 0.03 -25.38 -7.05
CA MET A 266 -0.68 -24.15 -6.73
C MET A 266 -0.81 -23.26 -7.94
N LEU A 267 0.13 -23.39 -8.88
CA LEU A 267 0.14 -22.67 -10.15
C LEU A 267 -0.36 -23.55 -11.29
N THR A 268 -1.14 -24.59 -10.99
CA THR A 268 -1.84 -25.30 -12.07
C THR A 268 -2.87 -24.35 -12.71
N TYR A 269 -2.87 -24.28 -14.05
CA TYR A 269 -3.69 -23.29 -14.80
C TYR A 269 -5.17 -23.52 -14.60
N VAL A 270 -5.62 -24.73 -14.92
CA VAL A 270 -7.03 -25.06 -14.83
C VAL A 270 -7.42 -25.21 -13.38
N PRO A 271 -8.36 -24.38 -12.92
CA PRO A 271 -8.62 -24.33 -11.48
C PRO A 271 -9.14 -25.65 -10.89
N SER A 272 -9.95 -26.39 -11.64
CA SER A 272 -10.46 -27.63 -11.10
C SER A 272 -9.31 -28.60 -10.82
N MET A 273 -8.18 -28.44 -11.50
CA MET A 273 -7.03 -29.33 -11.26
C MET A 273 -6.06 -28.77 -10.24
N ARG A 274 -6.20 -27.49 -9.88
CA ARG A 274 -5.30 -26.85 -8.94
C ARG A 274 -5.61 -27.42 -7.57
N ILE A 275 -4.57 -27.50 -6.75
CA ILE A 275 -4.67 -28.05 -5.41
C ILE A 275 -5.45 -27.09 -4.51
N SER A 276 -6.16 -27.62 -3.54
CA SER A 276 -6.95 -26.83 -2.59
C SER A 276 -6.03 -26.27 -1.48
N ALA A 277 -6.48 -25.19 -0.81
CA ALA A 277 -5.71 -24.65 0.26
C ALA A 277 -5.57 -25.71 1.36
N ARG A 278 -6.62 -26.52 1.57
CA ARG A 278 -6.61 -27.64 2.53
C ARG A 278 -5.56 -28.72 2.20
N ASP A 279 -5.57 -29.23 0.97
CA ASP A 279 -4.52 -30.14 0.53
C ASP A 279 -3.15 -29.49 0.43
N ALA A 280 -3.05 -28.19 0.16
CA ALA A 280 -1.74 -27.58 0.09
C ALA A 280 -1.09 -27.62 1.48
N LEU A 281 -1.91 -27.45 2.52
CA LEU A 281 -1.44 -27.57 3.90
C LEU A 281 -0.86 -28.97 4.19
N ASP A 282 -1.43 -29.99 3.58
CA ASP A 282 -0.97 -31.36 3.81
C ASP A 282 0.24 -31.77 3.01
N HIS A 283 0.62 -30.98 2.01
CA HIS A 283 1.73 -31.34 1.17
C HIS A 283 2.97 -31.59 2.05
N GLU A 284 3.77 -32.56 1.65
CA GLU A 284 4.95 -33.01 2.41
C GLU A 284 5.97 -31.89 2.64
N TRP A 285 6.10 -30.99 1.67
CA TRP A 285 6.93 -29.80 1.83
C TRP A 285 6.48 -29.01 3.06
N ILE A 286 5.18 -28.81 3.23
CA ILE A 286 4.71 -28.02 4.37
C ILE A 286 4.92 -28.84 5.64
N GLN A 287 4.57 -30.13 5.58
CA GLN A 287 4.63 -30.96 6.76
C GLN A 287 6.07 -31.21 7.15
N THR A 288 6.98 -31.23 6.19
CA THR A 288 8.39 -31.48 6.47
C THR A 288 9.05 -30.23 7.01
N TYR A 289 8.88 -29.13 6.27
CA TYR A 289 9.64 -27.92 6.54
C TYR A 289 9.06 -27.10 7.70
N THR A 290 7.83 -27.40 8.14
CA THR A 290 7.25 -26.64 9.26
C THR A 290 7.18 -27.42 10.58
N LYS A 291 8.03 -28.44 10.70
CA LYS A 291 8.26 -29.07 12.01
C LYS A 291 8.68 -28.00 13.02
N GLU A 292 8.24 -28.17 14.26
CA GLU A 292 8.73 -27.36 15.37
C GLU A 292 10.24 -27.54 15.55
N GLN A 293 10.70 -28.79 15.48
CA GLN A 293 12.13 -29.12 15.56
C GLN A 293 12.71 -29.39 14.20
N ILE A 294 13.64 -28.54 13.77
CA ILE A 294 14.14 -28.56 12.41
C ILE A 294 15.04 -29.78 12.18
N SER A 295 14.55 -30.69 11.35
CA SER A 295 15.25 -31.93 11.03
C SER A 295 15.93 -31.86 9.66
N VAL A 296 15.94 -30.65 9.08
CA VAL A 296 16.47 -30.45 7.75
C VAL A 296 17.50 -29.31 7.74
N ASP A 297 18.26 -29.24 6.64
CA ASP A 297 19.24 -28.17 6.43
C ASP A 297 18.57 -26.83 6.21
N VAL A 298 19.22 -25.76 6.64
CA VAL A 298 18.73 -24.39 6.38
C VAL A 298 19.83 -23.52 5.73
N PRO A 299 20.35 -23.95 4.55
CA PRO A 299 21.20 -23.02 3.81
C PRO A 299 20.43 -21.72 3.52
N SER A 300 21.06 -20.57 3.75
CA SER A 300 20.38 -19.30 3.52
C SER A 300 20.17 -19.09 2.03
N LEU A 301 19.02 -18.56 1.68
CA LEU A 301 18.67 -18.33 0.29
C LEU A 301 19.12 -16.91 -0.02
N ASP A 302 20.43 -16.75 -0.07
CA ASP A 302 21.03 -15.41 -0.06
C ASP A 302 20.68 -14.64 -1.34
N ASN A 303 20.77 -15.31 -2.49
CA ASN A 303 20.30 -14.74 -3.75
C ASN A 303 18.82 -14.28 -3.74
N ALA A 304 17.94 -15.10 -3.17
CA ALA A 304 16.52 -14.73 -3.07
C ALA A 304 16.29 -13.45 -2.24
N ILE A 305 16.94 -13.32 -1.10
CA ILE A 305 16.87 -12.08 -0.31
C ILE A 305 17.36 -10.86 -1.10
N LEU A 306 18.46 -11.03 -1.84
CA LEU A 306 18.98 -9.96 -2.71
C LEU A 306 17.97 -9.55 -3.78
N ASN A 307 17.37 -10.54 -4.43
CA ASN A 307 16.30 -10.26 -5.38
C ASN A 307 15.08 -9.69 -4.71
N ILE A 308 14.69 -10.20 -3.54
CA ILE A 308 13.54 -9.59 -2.86
C ILE A 308 13.73 -8.12 -2.56
N ARG A 309 14.92 -7.76 -2.06
CA ARG A 309 15.23 -6.34 -1.81
C ARG A 309 15.08 -5.45 -3.01
N GLN A 310 15.66 -5.89 -4.10
CA GLN A 310 15.53 -5.17 -5.35
C GLN A 310 14.08 -5.02 -5.77
N PHE A 311 13.33 -6.11 -5.64
CA PHE A 311 11.97 -6.17 -6.08
C PHE A 311 11.18 -5.19 -5.27
N GLN A 312 11.36 -5.26 -3.96
CA GLN A 312 10.58 -4.44 -3.04
C GLN A 312 11.00 -2.99 -3.19
N GLY A 313 12.30 -2.72 -3.21
CA GLY A 313 12.81 -1.35 -3.41
C GLY A 313 12.24 -0.73 -4.69
N THR A 314 12.17 -1.50 -5.76
CA THR A 314 11.66 -1.00 -7.03
C THR A 314 10.20 -0.64 -6.94
N GLN A 315 9.43 -1.51 -6.27
CA GLN A 315 8.01 -1.33 -6.14
C GLN A 315 7.75 -0.15 -5.24
N LYS A 316 8.49 -0.02 -4.14
CA LYS A 316 8.26 1.10 -3.21
C LYS A 316 8.64 2.46 -3.85
N LEU A 317 9.72 2.51 -4.64
CA LEU A 317 10.12 3.78 -5.30
C LEU A 317 9.10 4.18 -6.36
N ALA A 318 8.59 3.21 -7.13
CA ALA A 318 7.55 3.48 -8.09
C ALA A 318 6.25 4.01 -7.41
N GLN A 319 5.80 3.39 -6.32
CA GLN A 319 4.67 3.92 -5.51
C GLN A 319 4.97 5.29 -4.98
N ALA A 320 6.18 5.48 -4.46
CA ALA A 320 6.54 6.77 -3.88
C ALA A 320 6.50 7.86 -4.94
N ALA A 321 6.97 7.54 -6.14
CA ALA A 321 6.98 8.50 -7.22
C ALA A 321 5.57 8.93 -7.57
N LEU A 322 4.68 7.96 -7.74
CA LEU A 322 3.25 8.24 -8.02
C LEU A 322 2.55 9.02 -6.90
N LEU A 323 2.85 8.71 -5.64
CA LEU A 323 2.28 9.44 -4.53
C LEU A 323 2.86 10.85 -4.52
N TYR A 324 4.16 10.99 -4.78
CA TYR A 324 4.75 12.31 -4.85
C TYR A 324 4.05 13.12 -5.93
N MET A 325 3.86 12.55 -7.11
CA MET A 325 3.17 13.32 -8.16
C MET A 325 1.69 13.58 -7.77
N GLY A 326 1.00 12.53 -7.32
CA GLY A 326 -0.37 12.70 -6.81
C GLY A 326 -0.49 13.84 -5.80
N SER A 327 0.43 13.88 -4.82
CA SER A 327 0.45 14.92 -3.77
CA SER A 327 0.39 14.91 -3.78
C SER A 327 0.76 16.28 -4.32
N LYS A 328 1.58 16.32 -5.36
CA LYS A 328 1.94 17.58 -5.95
C LYS A 328 0.75 18.18 -6.72
N LEU A 329 -0.05 17.33 -7.37
CA LEU A 329 -1.28 17.83 -7.99
C LEU A 329 -2.27 18.32 -6.90
N THR A 330 -2.83 17.38 -6.12
CA THR A 330 -3.88 17.70 -5.14
C THR A 330 -3.64 18.99 -4.34
N SER A 331 -2.38 19.38 -4.16
CA SER A 331 -2.04 20.55 -3.36
C SER A 331 -1.68 21.83 -4.13
N GLN A 332 -1.77 21.81 -5.46
CA GLN A 332 -1.56 23.04 -6.24
C GLN A 332 -2.78 23.92 -6.09
N ASP A 333 -3.91 23.23 -6.05
CA ASP A 333 -5.19 23.78 -5.72
C ASP A 333 -5.09 24.62 -4.45
N GLU A 334 -4.48 24.05 -3.42
CA GLU A 334 -4.39 24.69 -2.11
C GLU A 334 -3.86 26.12 -2.08
N THR A 335 -2.66 26.38 -2.60
CA THR A 335 -2.06 27.72 -2.43
C THR A 335 -2.99 28.84 -2.89
N LYS A 336 -3.52 28.73 -4.10
CA LYS A 336 -4.47 29.72 -4.60
C LYS A 336 -5.77 29.72 -3.77
N GLU A 337 -6.35 28.54 -3.58
CA GLU A 337 -7.63 28.38 -2.84
C GLU A 337 -7.53 28.96 -1.41
N LEU A 338 -6.48 28.58 -0.69
CA LEU A 338 -6.26 29.07 0.67
C LEU A 338 -6.17 30.58 0.69
N THR A 339 -5.43 31.14 -0.28
CA THR A 339 -5.30 32.60 -0.39
C THR A 339 -6.67 33.27 -0.60
N ALA A 340 -7.55 32.59 -1.33
CA ALA A 340 -8.89 33.11 -1.65
C ALA A 340 -9.78 33.16 -0.41
N ILE A 341 -9.83 32.04 0.31
CA ILE A 341 -10.62 31.91 1.53
C ILE A 341 -10.16 32.96 2.51
N PHE A 342 -8.85 33.12 2.61
CA PHE A 342 -8.21 34.14 3.44
C PHE A 342 -8.51 35.57 2.95
N HIS A 343 -8.43 35.80 1.65
CA HIS A 343 -8.82 37.11 1.11
C HIS A 343 -10.30 37.43 1.46
N LYS A 344 -11.20 36.49 1.16
N LYS A 344 -11.19 36.49 1.16
CA LYS A 344 -12.64 36.65 1.42
CA LYS A 344 -12.63 36.63 1.41
C LYS A 344 -12.93 36.88 2.90
C LYS A 344 -12.94 36.86 2.89
N MET A 345 -12.14 36.28 3.76
CA MET A 345 -12.22 36.52 5.20
C MET A 345 -11.67 37.90 5.58
N ASP A 346 -10.78 38.44 4.74
CA ASP A 346 -10.15 39.75 4.99
C ASP A 346 -11.10 40.83 4.51
N LYS A 347 -12.23 40.95 5.20
CA LYS A 347 -13.24 41.92 4.81
C LYS A 347 -12.60 43.29 4.59
N ASN A 348 -11.64 43.66 5.45
CA ASN A 348 -11.09 45.02 5.41
C ASN A 348 -9.89 45.16 4.45
N GLY A 349 -9.41 44.05 3.89
CA GLY A 349 -8.44 44.07 2.81
C GLY A 349 -7.05 44.59 3.16
N ASP A 350 -6.66 44.48 4.43
CA ASP A 350 -5.33 44.91 4.90
C ASP A 350 -4.24 43.82 4.80
N GLY A 351 -4.56 42.71 4.15
CA GLY A 351 -3.62 41.58 4.02
C GLY A 351 -3.30 40.85 5.31
N GLN A 352 -4.06 41.09 6.38
CA GLN A 352 -3.77 40.47 7.68
C GLN A 352 -4.96 39.68 8.28
N LEU A 353 -4.65 38.88 9.29
CA LEU A 353 -5.64 38.01 9.96
C LEU A 353 -5.12 37.60 11.32
N ASP A 354 -6.03 37.23 12.23
CA ASP A 354 -5.65 36.70 13.54
C ASP A 354 -5.66 35.16 13.51
N ARG A 355 -5.33 34.55 14.65
CA ARG A 355 -5.22 33.09 14.76
C ARG A 355 -6.56 32.36 14.60
N ALA A 356 -7.64 32.90 15.15
CA ALA A 356 -8.95 32.26 15.02
C ALA A 356 -9.39 32.17 13.57
N GLU A 357 -9.18 33.27 12.84
CA GLU A 357 -9.57 33.33 11.43
C GLU A 357 -8.73 32.38 10.57
N LEU A 358 -7.42 32.32 10.82
CA LEU A 358 -6.52 31.44 10.06
C LEU A 358 -6.80 29.93 10.28
N ILE A 359 -7.09 29.58 11.52
CA ILE A 359 -7.57 28.24 11.85
C ILE A 359 -8.85 27.94 11.05
N GLU A 360 -9.86 28.81 11.19
CA GLU A 360 -11.14 28.63 10.53
C GLU A 360 -10.98 28.47 9.02
N GLY A 361 -10.15 29.33 8.46
CA GLY A 361 -9.89 29.32 7.03
C GLY A 361 -9.22 28.04 6.59
N TYR A 362 -8.32 27.49 7.41
CA TYR A 362 -7.62 26.23 7.05
C TYR A 362 -8.56 25.01 7.15
N LYS A 363 -9.47 25.03 8.12
CA LYS A 363 -10.54 24.02 8.21
C LYS A 363 -11.43 24.07 6.99
N GLU A 364 -11.81 25.28 6.61
CA GLU A 364 -12.57 25.52 5.38
C GLU A 364 -11.93 24.79 4.20
N LEU A 365 -10.60 24.91 4.07
CA LEU A 365 -9.85 24.29 2.98
C LEU A 365 -9.78 22.77 3.03
N MET A 366 -9.86 22.20 4.23
CA MET A 366 -9.98 20.73 4.39
C MET A 366 -11.44 20.30 4.29
N LYS A 367 -12.36 21.14 4.77
CA LYS A 367 -13.78 20.95 4.53
C LYS A 367 -14.02 20.67 3.02
N MET A 368 -13.33 21.43 2.16
CA MET A 368 -13.50 21.30 0.70
C MET A 368 -12.32 20.67 -0.04
N LYS A 369 -11.38 20.02 0.67
CA LYS A 369 -10.24 19.35 0.01
C LYS A 369 -10.74 18.10 -0.73
N GLY A 370 -11.15 18.32 -1.98
CA GLY A 370 -12.11 17.45 -2.61
C GLY A 370 -13.37 17.45 -1.76
N GLN A 371 -14.44 16.88 -2.28
CA GLN A 371 -15.55 16.53 -1.41
C GLN A 371 -15.00 15.53 -0.37
N ASP A 372 -14.02 14.73 -0.80
CA ASP A 372 -13.35 13.72 0.01
C ASP A 372 -11.90 14.11 0.38
N ALA A 373 -11.62 14.21 1.68
CA ALA A 373 -10.27 14.39 2.20
C ALA A 373 -9.96 13.32 3.28
N SER A 374 -8.80 13.44 3.93
CA SER A 374 -8.43 12.58 5.06
C SER A 374 -9.21 12.99 6.31
N MET A 375 -9.68 11.99 7.05
CA MET A 375 -10.61 12.20 8.17
C MET A 375 -10.04 13.04 9.33
N LEU A 376 -8.73 12.97 9.52
CA LEU A 376 -8.03 13.69 10.61
C LEU A 376 -7.57 15.11 10.22
N ASP A 377 -8.02 15.60 9.07
CA ASP A 377 -7.59 16.90 8.53
C ASP A 377 -8.18 18.10 9.27
N ALA A 378 -9.47 18.06 9.56
CA ALA A 378 -10.14 19.11 10.35
C ALA A 378 -9.53 19.24 11.76
N SER A 379 -9.14 18.11 12.34
CA SER A 379 -8.55 18.06 13.69
C SER A 379 -7.06 18.50 13.75
N ALA A 380 -6.30 18.17 12.69
CA ALA A 380 -4.86 18.53 12.62
C ALA A 380 -4.56 20.02 12.42
N VAL A 381 -5.57 20.82 12.10
CA VAL A 381 -5.40 22.25 11.88
C VAL A 381 -4.73 22.97 13.06
N GLU A 382 -5.40 23.01 14.21
CA GLU A 382 -4.92 23.80 15.33
C GLU A 382 -3.42 23.70 15.59
N HIS A 383 -2.93 22.47 15.71
CA HIS A 383 -1.52 22.23 16.02
C HIS A 383 -0.64 22.44 14.80
N GLU A 384 -1.17 22.16 13.62
CA GLU A 384 -0.46 22.48 12.39
C GLU A 384 -0.40 23.99 12.13
N VAL A 385 -1.39 24.74 12.62
CA VAL A 385 -1.34 26.20 12.53
C VAL A 385 -0.29 26.72 13.51
N ASP A 386 -0.38 26.29 14.77
CA ASP A 386 0.62 26.73 15.77
C ASP A 386 2.02 26.47 15.28
N GLN A 387 2.20 25.40 14.51
CA GLN A 387 3.53 25.08 13.99
C GLN A 387 3.97 26.09 12.94
N VAL A 388 3.02 26.70 12.23
CA VAL A 388 3.33 27.75 11.26
C VAL A 388 3.55 29.09 11.99
N LEU A 389 2.59 29.46 12.84
CA LEU A 389 2.69 30.70 13.63
C LEU A 389 3.99 30.81 14.44
N ASP A 390 4.66 29.67 14.65
CA ASP A 390 5.98 29.67 15.30
C ASP A 390 7.06 30.24 14.36
N ALA A 391 7.07 29.77 13.11
CA ALA A 391 8.02 30.24 12.10
C ALA A 391 7.80 31.71 11.68
N VAL A 392 6.53 32.14 11.62
CA VAL A 392 6.16 33.48 11.11
C VAL A 392 6.05 34.58 12.18
N ASP A 393 6.00 34.21 13.46
CA ASP A 393 5.67 35.15 14.53
C ASP A 393 6.11 34.60 15.88
N PHE A 394 7.38 34.22 15.99
CA PHE A 394 7.88 33.56 17.21
C PHE A 394 7.74 34.41 18.48
N ASP A 395 7.40 35.69 18.37
CA ASP A 395 7.07 36.49 19.56
C ASP A 395 5.55 36.61 19.80
N LYS A 396 4.74 35.87 19.05
CA LYS A 396 3.28 35.79 19.29
C LYS A 396 2.57 37.16 19.34
N ASN A 397 2.63 37.91 18.25
CA ASN A 397 1.96 39.23 18.17
C ASN A 397 0.45 39.04 17.93
N GLY A 398 0.09 38.22 16.94
CA GLY A 398 -1.31 37.82 16.75
C GLY A 398 -2.09 38.57 15.69
N TYR A 399 -1.41 39.42 14.92
CA TYR A 399 -1.97 39.96 13.69
C TYR A 399 -0.93 39.60 12.62
N ILE A 400 -1.31 38.64 11.77
CA ILE A 400 -0.35 37.89 10.92
C ILE A 400 -0.71 38.12 9.46
N GLU A 401 0.31 38.31 8.62
CA GLU A 401 0.09 38.53 7.19
C GLU A 401 -0.15 37.15 6.62
N TYR A 402 -1.33 36.93 6.04
CA TYR A 402 -1.72 35.57 5.65
C TYR A 402 -1.00 35.04 4.42
N SER A 403 -0.46 35.94 3.60
CA SER A 403 0.33 35.50 2.46
C SER A 403 1.58 34.77 2.94
N GLU A 404 2.32 35.37 3.88
CA GLU A 404 3.46 34.69 4.56
C GLU A 404 3.02 33.41 5.25
N PHE A 405 1.86 33.42 5.91
CA PHE A 405 1.33 32.18 6.49
C PHE A 405 1.17 31.15 5.38
N VAL A 406 0.49 31.52 4.31
CA VAL A 406 0.28 30.61 3.20
C VAL A 406 1.63 30.12 2.67
N THR A 407 2.51 31.08 2.38
CA THR A 407 3.87 30.79 1.93
C THR A 407 4.56 29.73 2.83
N VAL A 408 4.49 29.87 4.16
CA VAL A 408 5.16 28.90 5.07
C VAL A 408 4.35 27.61 5.29
N ALA A 409 3.02 27.73 5.32
CA ALA A 409 2.12 26.58 5.46
C ALA A 409 2.40 25.58 4.34
N MET A 410 2.37 26.08 3.11
CA MET A 410 2.61 25.23 1.95
C MET A 410 4.09 24.88 1.72
N ASP A 411 5.01 25.72 2.20
CA ASP A 411 6.45 25.41 2.11
C ASP A 411 6.74 24.12 2.89
N ARG A 412 6.15 24.03 4.09
CA ARG A 412 6.27 22.83 4.94
C ARG A 412 5.60 21.57 4.34
N LYS A 413 4.49 21.76 3.67
CA LYS A 413 3.78 20.65 3.05
C LYS A 413 4.60 20.04 1.91
N THR A 414 5.27 20.90 1.18
CA THR A 414 6.07 20.52 0.02
C THR A 414 7.34 19.80 0.48
N LEU A 415 8.00 20.37 1.49
CA LEU A 415 9.16 19.74 2.06
C LEU A 415 8.86 18.32 2.54
N LEU A 416 7.77 18.15 3.29
CA LEU A 416 7.40 16.82 3.80
C LEU A 416 7.14 15.81 2.70
N SER A 417 6.58 16.29 1.59
CA SER A 417 6.37 15.45 0.43
C SER A 417 7.72 14.97 -0.12
N ARG A 418 8.64 15.92 -0.28
CA ARG A 418 10.00 15.68 -0.78
C ARG A 418 10.71 14.59 0.03
N GLU A 419 10.52 14.62 1.35
CA GLU A 419 11.17 13.69 2.28
C GLU A 419 10.72 12.24 2.16
N ARG A 420 9.44 11.97 1.94
CA ARG A 420 9.00 10.57 1.76
C ARG A 420 9.57 9.94 0.47
N LEU A 421 9.68 10.76 -0.56
CA LEU A 421 10.21 10.31 -1.83
C LEU A 421 11.71 10.09 -1.71
N GLU A 422 12.43 11.06 -1.15
CA GLU A 422 13.87 10.92 -0.83
C GLU A 422 14.18 9.62 -0.06
N ARG A 423 13.37 9.32 0.92
CA ARG A 423 13.56 8.15 1.76
C ARG A 423 13.52 6.92 0.87
N ALA A 424 12.50 6.83 0.03
CA ALA A 424 12.38 5.71 -0.92
C ALA A 424 13.49 5.64 -1.97
N PHE A 425 13.90 6.79 -2.47
CA PHE A 425 15.06 6.87 -3.37
C PHE A 425 16.32 6.35 -2.71
N ARG A 426 16.61 6.79 -1.49
CA ARG A 426 17.76 6.28 -0.73
C ARG A 426 17.72 4.75 -0.56
N MET A 427 16.54 4.19 -0.24
CA MET A 427 16.45 2.75 -0.04
C MET A 427 16.73 2.00 -1.34
N PHE A 428 16.24 2.54 -2.46
CA PHE A 428 16.46 1.92 -3.76
C PHE A 428 17.93 1.85 -4.09
N ASP A 429 18.64 2.92 -3.77
CA ASP A 429 20.06 3.09 -4.05
C ASP A 429 20.91 2.32 -3.03
N SER A 430 20.77 1.01 -3.00
CA SER A 430 21.34 0.21 -1.91
C SER A 430 22.87 0.24 -1.77
N ASP A 431 23.58 0.53 -2.85
CA ASP A 431 25.03 0.65 -2.80
CA ASP A 431 25.02 0.65 -2.79
C ASP A 431 25.50 2.10 -2.57
N ASN A 432 24.58 2.99 -2.17
CA ASN A 432 24.90 4.35 -1.78
C ASN A 432 25.72 5.15 -2.88
N SER A 433 25.37 4.94 -4.15
CA SER A 433 25.99 5.61 -5.28
C SER A 433 25.53 7.06 -5.37
N GLY A 434 24.33 7.33 -4.85
CA GLY A 434 23.71 8.64 -4.95
C GLY A 434 22.93 8.85 -6.24
N LYS A 435 22.92 7.83 -7.12
CA LYS A 435 22.42 7.95 -8.49
C LYS A 435 21.65 6.69 -8.94
N ILE A 436 20.79 6.88 -9.94
CA ILE A 436 20.10 5.77 -10.55
CA ILE A 436 19.98 5.83 -10.56
C ILE A 436 20.26 5.81 -12.07
N SER A 437 20.53 4.63 -12.64
CA SER A 437 20.89 4.54 -14.05
C SER A 437 19.65 4.75 -14.93
N SER A 438 19.86 5.05 -16.21
CA SER A 438 18.71 5.11 -17.13
C SER A 438 17.96 3.79 -17.21
N SER A 439 18.65 2.65 -17.10
CA SER A 439 17.93 1.36 -17.21
C SER A 439 17.08 1.13 -15.97
N GLU A 440 17.58 1.57 -14.83
CA GLU A 440 16.80 1.54 -13.58
C GLU A 440 15.61 2.53 -13.67
N LEU A 441 15.82 3.68 -14.30
CA LEU A 441 14.71 4.60 -14.56
C LEU A 441 13.68 3.91 -15.44
N ALA A 442 14.14 3.18 -16.46
CA ALA A 442 13.27 2.47 -17.36
C ALA A 442 12.43 1.47 -16.63
N THR A 443 13.05 0.73 -15.73
CA THR A 443 12.30 -0.21 -14.90
C THR A 443 11.30 0.48 -13.97
N ILE A 444 11.77 1.48 -13.23
CA ILE A 444 10.91 2.21 -12.30
C ILE A 444 9.71 2.81 -13.03
N PHE A 445 9.96 3.44 -14.19
CA PHE A 445 8.89 4.07 -14.92
C PHE A 445 7.97 3.09 -15.60
N GLY A 446 8.47 1.92 -15.98
CA GLY A 446 7.62 0.89 -16.45
C GLY A 446 6.62 0.44 -15.41
N VAL A 447 7.12 0.18 -14.20
CA VAL A 447 6.27 -0.17 -13.08
C VAL A 447 5.19 0.89 -12.79
N SER A 448 5.58 2.16 -12.90
CA SER A 448 4.73 3.33 -12.70
C SER A 448 3.88 3.68 -13.89
N ASP A 449 4.09 3.01 -15.01
CA ASP A 449 3.32 3.23 -16.23
C ASP A 449 3.38 4.69 -16.71
N VAL A 450 4.61 5.19 -16.71
CA VAL A 450 4.94 6.45 -17.35
C VAL A 450 5.59 6.16 -18.69
N ASP A 451 5.06 6.75 -19.75
CA ASP A 451 5.48 6.45 -21.11
C ASP A 451 6.96 6.69 -21.34
N SER A 452 7.62 5.76 -22.01
CA SER A 452 9.07 5.81 -22.13
C SER A 452 9.56 7.10 -22.80
N GLU A 453 8.96 7.46 -23.92
CA GLU A 453 9.38 8.65 -24.70
C GLU A 453 9.15 9.89 -23.89
N THR A 454 8.09 9.86 -23.11
CA THR A 454 7.73 10.98 -22.27
C THR A 454 8.74 11.25 -21.13
N TRP A 455 9.15 10.23 -20.37
CA TRP A 455 10.12 10.48 -19.30
C TRP A 455 11.52 10.88 -19.82
N LYS A 456 11.95 10.31 -20.95
CA LYS A 456 13.23 10.67 -21.58
C LYS A 456 13.24 12.09 -22.06
N ASN A 457 12.14 12.52 -22.67
CA ASN A 457 12.00 13.92 -23.04
C ASN A 457 12.20 14.75 -21.79
N VAL A 458 11.55 14.34 -20.71
CA VAL A 458 11.64 15.08 -19.49
C VAL A 458 13.09 15.13 -18.98
N LEU A 459 13.77 13.98 -19.01
CA LEU A 459 15.17 13.89 -18.57
C LEU A 459 16.10 14.84 -19.37
N ALA A 460 15.97 14.80 -20.68
CA ALA A 460 16.76 15.68 -21.55
C ALA A 460 16.48 17.15 -21.29
N GLU A 461 15.29 17.47 -20.82
CA GLU A 461 14.91 18.84 -20.52
C GLU A 461 15.55 19.30 -19.23
N VAL A 462 15.43 18.46 -18.20
CA VAL A 462 16.01 18.72 -16.88
C VAL A 462 17.53 18.91 -16.90
N ASP A 463 18.22 18.04 -17.65
CA ASP A 463 19.69 18.04 -17.72
C ASP A 463 20.15 17.50 -19.06
N LYS A 464 20.53 18.40 -19.96
CA LYS A 464 20.92 17.99 -21.29
C LYS A 464 22.14 17.08 -21.24
N ASN A 465 23.12 17.43 -20.42
CA ASN A 465 24.31 16.62 -20.31
C ASN A 465 24.15 15.49 -19.34
N ASN A 466 22.93 15.01 -19.15
CA ASN A 466 22.81 13.78 -18.38
C ASN A 466 23.56 12.73 -19.22
N ASP A 467 24.23 11.85 -18.52
CA ASP A 467 25.04 10.83 -19.16
C ASP A 467 24.59 9.51 -18.60
N GLY A 468 23.31 9.22 -18.76
CA GLY A 468 22.74 7.95 -18.34
C GLY A 468 22.51 7.79 -16.85
N GLU A 469 22.28 8.89 -16.14
CA GLU A 469 22.02 8.81 -14.69
C GLU A 469 21.56 10.12 -14.11
N VAL A 470 20.88 10.01 -12.98
CA VAL A 470 20.28 11.14 -12.29
C VAL A 470 20.47 11.03 -10.77
N ASP A 471 20.71 12.13 -10.10
CA ASP A 471 20.79 12.08 -8.66
C ASP A 471 19.37 12.31 -8.15
N PHE A 472 19.22 12.49 -6.85
CA PHE A 472 17.90 12.65 -6.29
C PHE A 472 17.21 13.94 -6.74
N ASP A 473 17.89 15.07 -6.68
CA ASP A 473 17.26 16.30 -7.11
C ASP A 473 16.81 16.27 -8.60
N GLU A 474 17.56 15.59 -9.45
CA GLU A 474 17.20 15.52 -10.87
C GLU A 474 16.02 14.56 -11.04
N PHE A 475 16.07 13.43 -10.38
CA PHE A 475 14.89 12.52 -10.33
C PHE A 475 13.62 13.24 -9.88
N GLN A 476 13.72 14.04 -8.82
CA GLN A 476 12.55 14.77 -8.32
C GLN A 476 12.09 15.88 -9.28
N GLN A 477 13.04 16.57 -9.94
CA GLN A 477 12.68 17.50 -11.01
C GLN A 477 11.93 16.79 -12.15
N MET A 478 12.34 15.60 -12.51
CA MET A 478 11.60 14.88 -13.56
C MET A 478 10.16 14.68 -13.18
N LEU A 479 9.94 14.28 -11.93
CA LEU A 479 8.60 13.96 -11.47
C LEU A 479 7.74 15.21 -11.51
N LEU A 480 8.34 16.35 -11.19
CA LEU A 480 7.60 17.60 -11.18
C LEU A 480 7.13 17.86 -12.58
N LYS A 481 8.03 17.63 -13.54
CA LYS A 481 7.67 17.89 -14.93
C LYS A 481 6.61 16.91 -15.44
N LEU A 482 6.62 15.68 -14.95
CA LEU A 482 5.67 14.65 -15.39
C LEU A 482 4.26 14.86 -14.81
N CYS A 483 4.08 15.87 -13.97
CA CYS A 483 2.75 16.21 -13.52
C CYS A 483 2.47 17.69 -13.74
N GLY A 484 3.11 18.27 -14.75
CA GLY A 484 2.73 19.60 -15.27
C GLY A 484 3.29 20.77 -14.47
N ASN A 485 4.01 20.46 -13.40
CA ASN A 485 4.61 21.45 -12.53
C ASN A 485 6.06 21.61 -13.00
#